data_1SBE
#
_entry.id   1SBE
#
_cell.length_a   143.300
_cell.length_b   143.300
_cell.length_c   107.800
_cell.angle_alpha   90.00
_cell.angle_beta   90.00
_cell.angle_gamma   120.00
#
_symmetry.space_group_name_H-M   'P 64 2 2'
#
loop_
_entity.id
_entity.type
_entity.pdbx_description
1 polymer 'SOYBEAN AGGLUTININ'
2 branched beta-D-galactopyranose-(1-4)-2-acetamido-2-deoxy-beta-D-glucopyranose
3 non-polymer 2-acetamido-2-deoxy-beta-D-glucopyranose
4 non-polymer 'MANGANESE (II) ION'
5 non-polymer 'CALCIUM ION'
6 water water
#
_entity_poly.entity_id   1
_entity_poly.type   'polypeptide(L)'
_entity_poly.pdbx_seq_one_letter_code
;AETVSFSWNKFVPKQPNMILQGDAIVTSSGKLQLNKVDENGTPKPSSLGRALYSTPIHIWDKETGSVASFAASFNFTFYA
PDTKRLADGLAFFLAPIDTKPQTHAGYLGLFNENESGDQVVAVEFDTFRNSWDPPNPHIGINVNSIRSIKTTSWDLANNK
VAKVLITYDASTSLLVASLVYPSQRTSNILSDVVDLKTSLPEWVRIGFSAATGLDIPGESHDVLSWSFASNLPHASSNID
PLDLTSFVLHEAI
;
_entity_poly.pdbx_strand_id   A
#
# COMPACT_ATOMS: atom_id res chain seq x y z
N ALA A 1 -6.12 -20.91 -16.72
CA ALA A 1 -7.01 -20.07 -15.91
C ALA A 1 -6.70 -20.24 -14.43
N GLU A 2 -5.72 -19.47 -13.96
CA GLU A 2 -5.20 -19.50 -12.59
C GLU A 2 -5.84 -18.49 -11.69
N THR A 3 -6.16 -18.94 -10.49
CA THR A 3 -6.77 -18.04 -9.55
C THR A 3 -6.20 -18.23 -8.18
N VAL A 4 -6.46 -17.20 -7.41
CA VAL A 4 -6.10 -17.27 -6.02
C VAL A 4 -6.79 -16.20 -5.22
N SER A 5 -7.07 -16.58 -3.99
CA SER A 5 -7.66 -15.66 -3.09
C SER A 5 -7.32 -16.11 -1.70
N PHE A 6 -7.30 -15.08 -0.88
CA PHE A 6 -7.15 -15.19 0.54
C PHE A 6 -7.89 -14.00 1.15
N SER A 7 -8.11 -14.11 2.48
CA SER A 7 -8.65 -13.05 3.29
C SER A 7 -8.57 -13.37 4.77
N TRP A 8 -8.25 -12.32 5.57
CA TRP A 8 -8.15 -12.33 7.03
C TRP A 8 -8.90 -11.12 7.57
N ASN A 9 -9.54 -11.29 8.71
CA ASN A 9 -10.22 -10.18 9.35
C ASN A 9 -9.40 -9.61 10.52
N LYS A 10 -8.32 -10.32 10.85
CA LYS A 10 -7.32 -9.97 11.85
C LYS A 10 -5.96 -10.49 11.37
N PHE A 11 -4.87 -10.05 12.02
CA PHE A 11 -3.52 -10.60 11.79
C PHE A 11 -3.03 -11.47 12.96
N VAL A 12 -2.54 -12.66 12.64
CA VAL A 12 -2.06 -13.57 13.67
C VAL A 12 -0.56 -13.40 13.81
N PRO A 13 -0.10 -13.12 15.04
CA PRO A 13 1.30 -12.92 15.25
C PRO A 13 2.08 -14.12 14.78
N LYS A 14 3.03 -13.82 13.93
CA LYS A 14 3.92 -14.82 13.40
C LYS A 14 3.27 -15.79 12.41
N GLN A 15 2.42 -15.24 11.55
CA GLN A 15 1.82 -16.04 10.48
C GLN A 15 2.93 -16.33 9.52
N PRO A 16 3.07 -17.59 9.20
CA PRO A 16 4.04 -18.09 8.28
C PRO A 16 3.71 -17.82 6.83
N ASN A 17 2.64 -17.09 6.56
CA ASN A 17 2.19 -16.88 5.18
C ASN A 17 2.55 -15.49 4.71
N MET A 18 3.09 -14.77 5.67
CA MET A 18 3.42 -13.39 5.52
C MET A 18 4.89 -13.17 5.69
N ILE A 19 5.28 -11.95 5.38
CA ILE A 19 6.64 -11.54 5.46
C ILE A 19 6.74 -10.14 5.97
N LEU A 20 7.37 -10.00 7.12
CA LEU A 20 7.58 -8.67 7.65
C LEU A 20 8.95 -8.13 7.22
N GLN A 21 9.05 -6.80 7.16
CA GLN A 21 10.23 -6.08 6.74
C GLN A 21 10.20 -4.76 7.48
N GLY A 22 11.39 -4.28 7.81
CA GLY A 22 11.53 -3.06 8.58
C GLY A 22 10.90 -3.26 9.93
N ASP A 23 10.41 -2.17 10.49
CA ASP A 23 9.78 -2.16 11.79
C ASP A 23 8.41 -2.83 11.83
N ALA A 24 7.99 -3.30 10.66
CA ALA A 24 6.66 -3.85 10.49
C ALA A 24 6.51 -5.07 11.32
N ILE A 25 5.50 -5.09 12.20
CA ILE A 25 5.25 -6.25 13.00
C ILE A 25 3.78 -6.46 13.24
N VAL A 26 3.41 -7.60 13.84
CA VAL A 26 2.01 -7.95 14.09
C VAL A 26 1.66 -7.89 15.58
N THR A 27 0.98 -6.84 16.03
CA THR A 27 0.62 -6.80 17.44
C THR A 27 -0.21 -7.99 17.84
N SER A 28 -0.19 -8.30 19.13
CA SER A 28 -0.99 -9.38 19.66
C SER A 28 -2.47 -9.03 19.53
N SER A 29 -2.72 -7.73 19.67
CA SER A 29 -4.01 -7.12 19.49
C SER A 29 -4.57 -7.42 18.10
N GLY A 30 -3.77 -8.08 17.26
CA GLY A 30 -4.17 -8.50 15.92
C GLY A 30 -3.89 -7.50 14.78
N LYS A 31 -3.59 -6.22 15.13
CA LYS A 31 -3.29 -5.14 14.16
C LYS A 31 -2.00 -5.42 13.38
N LEU A 32 -1.81 -4.82 12.20
CA LEU A 32 -0.50 -4.94 11.55
C LEU A 32 0.20 -3.61 11.65
N GLN A 33 1.09 -3.52 12.62
CA GLN A 33 1.86 -2.30 12.85
C GLN A 33 2.98 -2.26 11.85
N LEU A 34 3.09 -1.18 11.11
CA LEU A 34 4.20 -1.17 10.20
C LEU A 34 5.20 -0.17 10.66
N ASN A 35 4.78 0.63 11.60
CA ASN A 35 5.64 1.68 12.09
C ASN A 35 5.95 1.57 13.57
N LYS A 36 7.15 2.04 13.95
CA LYS A 36 7.53 1.91 15.34
C LYS A 36 6.94 3.03 16.13
N VAL A 37 6.49 2.71 17.33
CA VAL A 37 5.88 3.76 18.08
C VAL A 37 6.24 3.68 19.55
N ASP A 38 6.03 4.83 20.24
CA ASP A 38 6.33 5.05 21.65
C ASP A 38 5.66 4.04 22.54
N GLU A 39 6.19 3.97 23.74
CA GLU A 39 5.55 3.20 24.78
C GLU A 39 4.15 3.83 24.91
N ASN A 40 4.14 5.13 24.61
CA ASN A 40 2.95 5.95 24.60
C ASN A 40 2.21 5.77 23.27
N GLY A 41 2.76 4.91 22.41
CA GLY A 41 2.19 4.65 21.10
C GLY A 41 2.54 5.74 20.07
N THR A 42 3.41 6.68 20.45
CA THR A 42 3.79 7.75 19.55
C THR A 42 4.65 7.28 18.39
N PRO A 43 4.21 7.56 17.18
CA PRO A 43 5.02 7.17 16.05
C PRO A 43 6.45 7.69 16.24
N LYS A 44 7.43 6.94 15.70
CA LYS A 44 8.85 7.25 15.86
C LYS A 44 9.55 7.54 14.54
N PRO A 45 9.84 8.82 14.34
CA PRO A 45 10.48 9.31 13.14
C PRO A 45 11.43 8.35 12.50
N SER A 46 11.58 8.57 11.22
CA SER A 46 12.36 7.74 10.37
C SER A 46 12.08 6.26 10.52
N SER A 47 10.84 5.90 10.94
CA SER A 47 10.33 4.50 11.04
C SER A 47 10.04 3.88 9.68
N LEU A 48 10.10 2.55 9.59
CA LEU A 48 9.82 1.93 8.29
C LEU A 48 9.47 0.44 8.28
N GLY A 49 8.35 0.11 7.62
CA GLY A 49 7.87 -1.26 7.54
C GLY A 49 7.18 -1.59 6.22
N ARG A 50 7.29 -2.86 5.90
CA ARG A 50 6.69 -3.42 4.73
C ARG A 50 6.16 -4.77 5.13
N ALA A 51 5.29 -5.36 4.35
CA ALA A 51 4.79 -6.66 4.70
C ALA A 51 4.19 -7.23 3.46
N LEU A 52 4.74 -8.37 3.12
CA LEU A 52 4.46 -8.99 1.87
C LEU A 52 3.70 -10.28 2.07
N TYR A 53 3.18 -10.79 0.98
CA TYR A 53 2.39 -11.96 1.16
C TYR A 53 3.17 -13.13 0.66
N SER A 54 3.45 -14.10 1.52
CA SER A 54 4.25 -15.26 1.12
C SER A 54 4.06 -15.67 -0.35
N THR A 55 3.00 -16.40 -0.70
CA THR A 55 2.80 -16.79 -2.08
C THR A 55 2.92 -15.62 -3.04
N PRO A 56 3.65 -15.88 -4.12
CA PRO A 56 3.81 -14.93 -5.19
C PRO A 56 2.60 -15.10 -6.12
N ILE A 57 2.35 -14.03 -6.86
CA ILE A 57 1.23 -13.88 -7.74
C ILE A 57 1.65 -13.83 -9.16
N HIS A 58 1.09 -14.74 -9.88
CA HIS A 58 1.33 -14.76 -11.29
C HIS A 58 0.54 -13.66 -11.93
N ILE A 59 1.07 -12.47 -11.99
CA ILE A 59 0.31 -11.39 -12.59
C ILE A 59 -0.01 -11.58 -14.08
N TRP A 60 0.92 -12.14 -14.83
CA TRP A 60 0.68 -12.26 -16.25
C TRP A 60 1.64 -13.19 -16.93
N ASP A 61 1.14 -13.83 -17.94
CA ASP A 61 1.88 -14.87 -18.59
C ASP A 61 2.32 -14.45 -19.95
N LYS A 62 3.60 -14.57 -20.19
CA LYS A 62 4.14 -14.17 -21.47
C LYS A 62 3.80 -15.12 -22.61
N GLU A 63 3.75 -16.41 -22.30
CA GLU A 63 3.46 -17.31 -23.40
C GLU A 63 2.16 -16.91 -24.08
N THR A 64 1.07 -16.87 -23.23
CA THR A 64 -0.33 -16.56 -23.55
C THR A 64 -0.55 -15.06 -23.76
N GLY A 65 0.32 -14.24 -23.21
CA GLY A 65 0.10 -12.82 -23.37
C GLY A 65 -0.99 -12.35 -22.41
N SER A 66 -1.57 -13.29 -21.65
CA SER A 66 -2.64 -12.98 -20.72
C SER A 66 -2.23 -12.13 -19.52
N VAL A 67 -3.12 -11.21 -19.12
CA VAL A 67 -2.92 -10.37 -17.95
C VAL A 67 -4.02 -10.55 -16.97
N ALA A 68 -3.71 -10.57 -15.71
CA ALA A 68 -4.73 -10.82 -14.74
C ALA A 68 -5.41 -9.61 -14.18
N SER A 69 -6.54 -9.94 -13.59
CA SER A 69 -7.27 -8.96 -12.86
C SER A 69 -7.31 -9.38 -11.42
N PHE A 70 -7.23 -8.37 -10.62
CA PHE A 70 -7.22 -8.70 -9.26
C PHE A 70 -7.93 -7.57 -8.61
N ALA A 71 -8.30 -7.83 -7.38
CA ALA A 71 -8.82 -6.79 -6.57
C ALA A 71 -8.36 -7.12 -5.21
N ALA A 72 -8.20 -6.07 -4.45
CA ALA A 72 -7.79 -6.18 -3.09
C ALA A 72 -8.47 -5.11 -2.25
N SER A 73 -8.69 -5.51 -1.02
CA SER A 73 -9.35 -4.67 -0.07
C SER A 73 -8.63 -4.79 1.25
N PHE A 74 -8.82 -3.79 2.08
CA PHE A 74 -8.23 -3.81 3.39
C PHE A 74 -8.58 -2.55 4.12
N ASN A 75 -8.60 -2.63 5.46
CA ASN A 75 -8.85 -1.47 6.27
C ASN A 75 -7.65 -1.08 7.12
N PHE A 76 -7.20 0.14 6.88
CA PHE A 76 -6.08 0.66 7.62
C PHE A 76 -6.50 1.87 8.36
N THR A 77 -5.56 2.31 9.21
CA THR A 77 -5.67 3.46 10.08
C THR A 77 -4.32 4.09 10.28
N PHE A 78 -4.38 5.28 10.81
CA PHE A 78 -3.18 5.97 11.09
C PHE A 78 -3.33 6.84 12.32
N TYR A 79 -2.33 6.80 13.18
CA TYR A 79 -2.39 7.67 14.32
C TYR A 79 -1.34 8.77 14.24
N ALA A 80 -1.79 9.99 14.47
CA ALA A 80 -0.93 11.13 14.32
C ALA A 80 -1.16 12.17 15.41
N PRO A 81 -0.15 12.30 16.26
CA PRO A 81 -0.18 13.14 17.43
C PRO A 81 -0.37 14.60 17.12
N ASP A 82 0.17 15.06 15.96
CA ASP A 82 -0.02 16.44 15.53
C ASP A 82 -0.52 16.62 14.10
N THR A 83 -1.83 16.38 13.95
CA THR A 83 -2.61 16.52 12.72
C THR A 83 -2.24 17.72 11.85
N LYS A 84 -1.33 18.58 12.34
CA LYS A 84 -0.83 19.70 11.55
C LYS A 84 0.44 19.29 10.82
N ARG A 85 1.29 18.60 11.56
CA ARG A 85 2.56 18.09 11.07
C ARG A 85 2.47 16.56 10.83
N LEU A 86 2.11 16.22 9.58
CA LEU A 86 1.86 14.85 9.12
C LEU A 86 2.87 14.32 8.13
N ALA A 87 3.04 13.01 8.17
CA ALA A 87 3.88 12.27 7.24
C ALA A 87 4.15 10.87 7.72
N ASP A 88 4.68 10.05 6.85
CA ASP A 88 4.97 10.40 5.48
C ASP A 88 3.97 9.75 4.54
N GLY A 89 3.42 8.62 4.98
CA GLY A 89 2.41 7.98 4.17
C GLY A 89 2.39 6.47 4.21
N LEU A 90 1.52 5.92 3.35
CA LEU A 90 1.29 4.47 3.24
C LEU A 90 1.06 4.07 1.79
N ALA A 91 1.43 2.82 1.47
CA ALA A 91 1.19 2.29 0.11
C ALA A 91 0.82 0.83 0.11
N PHE A 92 0.26 0.39 -1.00
CA PHE A 92 -0.04 -1.01 -1.19
C PHE A 92 0.67 -1.34 -2.47
N PHE A 93 1.22 -2.51 -2.66
CA PHE A 93 1.92 -2.58 -3.93
C PHE A 93 2.22 -3.95 -4.40
N LEU A 94 2.63 -3.90 -5.65
CA LEU A 94 3.04 -5.06 -6.38
C LEU A 94 4.47 -4.80 -6.77
N ALA A 95 5.29 -5.75 -6.36
CA ALA A 95 6.69 -5.79 -6.73
C ALA A 95 7.03 -7.20 -7.17
N PRO A 96 8.33 -7.44 -7.40
CA PRO A 96 8.80 -8.76 -7.80
C PRO A 96 9.22 -9.52 -6.56
N ILE A 97 9.34 -10.83 -6.71
CA ILE A 97 9.62 -11.69 -5.57
C ILE A 97 10.66 -11.22 -4.57
N ASP A 98 11.82 -10.84 -5.09
CA ASP A 98 12.98 -10.47 -4.32
C ASP A 98 12.92 -9.10 -3.66
N THR A 99 11.75 -8.48 -3.61
CA THR A 99 11.78 -7.09 -3.17
C THR A 99 12.08 -6.81 -1.72
N LYS A 100 13.22 -6.19 -1.53
CA LYS A 100 13.49 -5.73 -0.20
C LYS A 100 13.11 -4.27 -0.22
N PRO A 101 13.24 -3.56 0.91
CA PRO A 101 12.81 -2.19 1.05
C PRO A 101 13.66 -1.22 0.28
N GLN A 102 13.34 0.05 0.43
CA GLN A 102 14.11 1.08 -0.24
C GLN A 102 14.03 2.33 0.57
N THR A 103 14.07 3.45 -0.12
CA THR A 103 14.16 4.72 0.56
C THR A 103 13.09 4.96 1.57
N HIS A 104 13.43 5.51 2.71
CA HIS A 104 12.41 5.73 3.69
C HIS A 104 11.72 7.07 3.46
N ALA A 105 11.07 7.57 4.53
CA ALA A 105 10.30 8.81 4.51
C ALA A 105 9.44 9.03 3.24
N GLY A 106 9.74 10.07 2.50
CA GLY A 106 8.94 10.36 1.34
C GLY A 106 8.94 9.26 0.27
N TYR A 107 9.86 8.30 0.32
CA TYR A 107 9.90 7.29 -0.74
C TYR A 107 9.04 6.08 -0.41
N LEU A 108 8.36 6.25 0.74
CA LEU A 108 7.44 5.25 1.27
C LEU A 108 8.03 3.86 1.19
N GLY A 109 9.37 3.79 1.16
CA GLY A 109 10.12 2.55 1.19
C GLY A 109 10.02 1.83 -0.12
N LEU A 110 9.47 2.53 -1.11
CA LEU A 110 9.22 1.88 -2.38
C LEU A 110 10.18 2.28 -3.48
N PHE A 111 10.45 3.55 -3.50
CA PHE A 111 11.34 3.98 -4.53
C PHE A 111 12.68 4.33 -3.96
N ASN A 112 13.64 4.56 -4.87
CA ASN A 112 14.96 5.00 -4.49
C ASN A 112 15.21 6.42 -4.99
N GLU A 113 15.85 7.22 -4.13
CA GLU A 113 16.24 8.61 -4.42
C GLU A 113 16.89 8.80 -5.80
N ASN A 114 17.35 7.61 -6.27
CA ASN A 114 18.18 7.35 -7.47
C ASN A 114 17.59 6.74 -8.77
N GLU A 115 17.49 5.40 -8.74
CA GLU A 115 17.00 4.53 -9.83
C GLU A 115 15.95 4.79 -10.83
N GLN A 119 10.76 -1.94 -10.73
CA GLN A 119 9.60 -2.56 -11.37
C GLN A 119 8.54 -2.77 -10.30
N VAL A 120 7.99 -1.61 -9.90
CA VAL A 120 7.07 -1.44 -8.80
C VAL A 120 5.82 -0.64 -9.12
N VAL A 121 4.72 -1.23 -8.76
CA VAL A 121 3.50 -0.55 -9.03
C VAL A 121 2.72 -0.38 -7.77
N ALA A 122 2.19 0.82 -7.58
CA ALA A 122 1.42 0.95 -6.37
C ALA A 122 0.50 2.16 -6.20
N VAL A 123 -0.25 2.12 -5.11
CA VAL A 123 -1.23 3.13 -4.77
C VAL A 123 -0.85 3.88 -3.51
N GLU A 124 -0.65 5.17 -3.60
CA GLU A 124 -0.16 5.76 -2.41
C GLU A 124 -1.19 6.54 -1.70
N PHE A 125 -1.15 6.41 -0.39
CA PHE A 125 -1.89 7.28 0.51
C PHE A 125 -0.92 8.23 1.20
N ASP A 126 -0.47 9.24 0.42
CA ASP A 126 0.49 10.27 0.79
C ASP A 126 -0.02 11.36 1.75
N THR A 127 0.55 11.39 2.97
CA THR A 127 0.30 12.38 4.01
C THR A 127 1.12 13.65 3.80
N PHE A 128 2.20 13.50 3.02
CA PHE A 128 3.20 14.54 2.93
C PHE A 128 3.63 15.09 1.57
N ARG A 129 3.59 16.43 1.56
CA ARG A 129 3.90 17.17 0.34
C ARG A 129 5.35 17.21 0.00
N ASN A 130 5.77 16.26 -0.82
CA ASN A 130 7.13 16.30 -1.25
C ASN A 130 7.36 17.36 -2.31
N SER A 131 8.36 17.17 -3.11
CA SER A 131 8.50 18.19 -4.09
C SER A 131 7.57 17.84 -5.26
N TRP A 132 7.57 16.55 -5.66
CA TRP A 132 6.74 16.01 -6.72
C TRP A 132 5.28 15.86 -6.33
N ASP A 133 5.00 15.89 -5.02
CA ASP A 133 3.64 15.78 -4.48
C ASP A 133 2.80 17.03 -4.85
N PRO A 134 1.47 16.84 -5.05
CA PRO A 134 0.55 17.93 -5.30
C PRO A 134 0.15 18.46 -3.93
N PRO A 135 -0.83 19.35 -3.87
CA PRO A 135 -1.18 19.86 -2.57
C PRO A 135 -2.20 19.00 -1.90
N ASN A 136 -2.00 18.85 -0.59
CA ASN A 136 -2.92 18.08 0.24
C ASN A 136 -2.86 16.58 0.07
N PRO A 137 -2.90 15.90 1.21
CA PRO A 137 -2.89 14.46 1.23
C PRO A 137 -3.75 13.99 0.11
N HIS A 138 -3.21 13.07 -0.64
CA HIS A 138 -3.89 12.63 -1.81
C HIS A 138 -3.84 11.13 -1.86
N ILE A 139 -4.25 10.63 -3.00
CA ILE A 139 -4.11 9.23 -3.28
C ILE A 139 -3.45 9.16 -4.62
N GLY A 140 -2.61 8.18 -4.83
CA GLY A 140 -1.95 8.20 -6.09
C GLY A 140 -1.64 6.82 -6.59
N ILE A 141 -1.43 6.83 -7.89
CA ILE A 141 -1.07 5.65 -8.60
C ILE A 141 0.36 5.80 -8.99
N ASN A 142 1.17 4.88 -8.49
CA ASN A 142 2.58 4.94 -8.74
C ASN A 142 2.99 3.83 -9.64
N VAL A 143 3.56 4.26 -10.72
CA VAL A 143 4.05 3.34 -11.71
C VAL A 143 5.53 3.50 -11.90
N ASN A 144 6.23 2.62 -11.19
CA ASN A 144 7.68 2.67 -11.21
C ASN A 144 8.13 4.08 -10.91
N SER A 145 7.42 4.76 -10.03
CA SER A 145 7.89 6.07 -9.65
C SER A 145 7.09 6.74 -8.56
N ILE A 146 7.82 7.29 -7.61
CA ILE A 146 7.16 8.04 -6.58
C ILE A 146 6.36 9.25 -7.12
N ARG A 147 6.57 9.67 -8.37
CA ARG A 147 5.72 10.75 -8.89
C ARG A 147 4.57 10.08 -9.59
N SER A 148 3.39 10.14 -8.91
CA SER A 148 2.18 9.45 -9.33
C SER A 148 1.71 9.85 -10.72
N ILE A 149 1.22 8.87 -11.52
CA ILE A 149 0.67 9.15 -12.85
C ILE A 149 -0.64 9.96 -12.77
N LYS A 150 -1.33 9.83 -11.65
CA LYS A 150 -2.56 10.58 -11.38
C LYS A 150 -2.95 10.58 -9.89
N THR A 151 -3.59 11.64 -9.46
CA THR A 151 -3.90 11.70 -8.04
C THR A 151 -5.26 12.23 -7.73
N THR A 152 -5.60 12.15 -6.46
CA THR A 152 -6.84 12.76 -6.02
C THR A 152 -6.86 12.96 -4.53
N SER A 153 -7.28 14.13 -4.14
CA SER A 153 -7.33 14.38 -2.74
C SER A 153 -7.84 13.16 -2.02
N TRP A 154 -7.45 13.10 -0.76
CA TRP A 154 -7.84 12.05 0.13
C TRP A 154 -8.40 12.73 1.34
N ASP A 155 -9.71 12.67 1.50
CA ASP A 155 -10.26 13.34 2.66
C ASP A 155 -9.97 12.55 3.91
N LEU A 156 -8.68 12.42 4.20
CA LEU A 156 -8.16 11.60 5.30
C LEU A 156 -8.69 12.07 6.63
N ALA A 157 -8.65 11.17 7.62
CA ALA A 157 -9.15 11.54 8.92
C ALA A 157 -8.50 10.76 10.02
N ASN A 158 -7.86 11.52 10.89
CA ASN A 158 -7.11 10.90 11.94
C ASN A 158 -7.87 9.97 12.85
N ASN A 159 -7.17 8.91 13.20
CA ASN A 159 -7.65 7.93 14.09
C ASN A 159 -8.86 7.14 13.63
N LYS A 160 -9.61 7.69 12.67
CA LYS A 160 -10.79 7.03 12.07
C LYS A 160 -10.36 5.90 11.07
N VAL A 161 -11.14 4.81 10.93
CA VAL A 161 -10.85 3.67 10.03
C VAL A 161 -11.34 3.93 8.62
N ALA A 162 -10.60 3.40 7.65
CA ALA A 162 -10.92 3.64 6.27
C ALA A 162 -10.97 2.33 5.51
N LYS A 163 -12.06 2.09 4.77
CA LYS A 163 -12.07 0.89 3.96
C LYS A 163 -11.63 1.25 2.57
N VAL A 164 -10.70 0.44 2.09
CA VAL A 164 -10.15 0.68 0.81
C VAL A 164 -10.31 -0.48 -0.15
N LEU A 165 -10.59 -0.13 -1.40
CA LEU A 165 -10.77 -1.13 -2.41
C LEU A 165 -10.14 -0.74 -3.71
N ILE A 166 -9.37 -1.72 -4.22
CA ILE A 166 -8.54 -1.59 -5.41
C ILE A 166 -8.80 -2.70 -6.38
N THR A 167 -8.95 -2.24 -7.60
CA THR A 167 -9.30 -3.14 -8.67
C THR A 167 -8.49 -2.87 -9.89
N TYR A 168 -8.19 -3.95 -10.52
CA TYR A 168 -7.50 -3.87 -11.74
C TYR A 168 -8.13 -4.79 -12.75
N ASP A 169 -8.65 -4.12 -13.79
CA ASP A 169 -9.30 -4.74 -14.91
C ASP A 169 -8.39 -4.88 -16.12
N ALA A 170 -7.96 -6.12 -16.28
CA ALA A 170 -7.00 -6.44 -17.30
C ALA A 170 -7.45 -6.00 -18.67
N SER A 171 -8.73 -6.26 -18.91
CA SER A 171 -9.44 -5.98 -20.15
C SER A 171 -9.32 -4.53 -20.60
N THR A 172 -9.55 -3.65 -19.66
CA THR A 172 -9.43 -2.26 -19.92
C THR A 172 -8.13 -1.70 -19.39
N SER A 173 -7.41 -2.53 -18.61
CA SER A 173 -6.16 -2.11 -18.01
C SER A 173 -6.35 -0.90 -17.13
N LEU A 174 -7.34 -0.99 -16.22
CA LEU A 174 -7.66 0.15 -15.40
C LEU A 174 -7.57 -0.11 -13.89
N LEU A 175 -6.57 0.49 -13.21
CA LEU A 175 -6.56 0.29 -11.77
C LEU A 175 -7.56 1.30 -11.25
N VAL A 176 -8.34 0.88 -10.28
CA VAL A 176 -9.28 1.77 -9.67
C VAL A 176 -9.17 1.64 -8.18
N ALA A 177 -9.08 2.79 -7.55
CA ALA A 177 -9.01 2.77 -6.12
C ALA A 177 -9.99 3.74 -5.53
N SER A 178 -10.65 3.23 -4.50
CA SER A 178 -11.63 3.99 -3.77
C SER A 178 -11.41 3.82 -2.31
N LEU A 179 -11.37 4.92 -1.64
CA LEU A 179 -11.21 4.80 -0.21
C LEU A 179 -12.43 5.36 0.43
N VAL A 180 -12.86 4.67 1.47
CA VAL A 180 -14.08 5.12 2.12
C VAL A 180 -13.97 5.17 3.63
N TYR A 181 -14.57 6.19 4.23
CA TYR A 181 -14.51 6.43 5.69
C TYR A 181 -15.94 6.37 6.28
N PRO A 182 -16.42 5.17 6.54
CA PRO A 182 -17.75 4.98 7.05
C PRO A 182 -17.99 5.86 8.23
N SER A 183 -16.97 6.00 9.06
CA SER A 183 -17.14 6.81 10.23
C SER A 183 -17.71 8.15 9.84
N GLN A 184 -17.17 8.75 8.79
CA GLN A 184 -17.52 10.07 8.31
C GLN A 184 -18.42 10.10 7.11
N ARG A 185 -18.80 8.91 6.64
CA ARG A 185 -19.65 8.86 5.46
C ARG A 185 -19.04 9.67 4.30
N THR A 186 -17.71 9.70 4.19
CA THR A 186 -17.03 10.39 3.07
C THR A 186 -16.37 9.38 2.12
N SER A 187 -15.97 9.82 0.94
CA SER A 187 -15.38 8.82 0.08
C SER A 187 -14.59 9.38 -1.08
N ASN A 188 -13.55 8.64 -1.44
CA ASN A 188 -12.68 9.07 -2.51
C ASN A 188 -12.42 7.96 -3.51
N ILE A 189 -12.23 8.37 -4.75
CA ILE A 189 -11.98 7.40 -5.79
C ILE A 189 -11.02 7.94 -6.84
N LEU A 190 -10.25 7.01 -7.40
CA LEU A 190 -9.24 7.33 -8.38
C LEU A 190 -9.16 6.27 -9.44
N SER A 191 -8.87 6.69 -10.66
CA SER A 191 -8.78 5.69 -11.69
C SER A 191 -7.81 6.05 -12.81
N ASP A 192 -7.20 5.00 -13.37
CA ASP A 192 -6.30 5.18 -14.50
C ASP A 192 -5.80 3.86 -15.06
N VAL A 193 -5.31 3.97 -16.27
CA VAL A 193 -4.74 2.79 -16.88
C VAL A 193 -3.30 2.59 -16.44
N VAL A 194 -2.94 1.32 -16.38
CA VAL A 194 -1.64 0.87 -15.94
C VAL A 194 -1.30 -0.38 -16.75
N ASP A 195 -0.16 -0.36 -17.48
CA ASP A 195 0.15 -1.58 -18.25
C ASP A 195 1.06 -2.58 -17.49
N LEU A 196 0.45 -3.53 -16.81
CA LEU A 196 1.26 -4.44 -16.05
C LEU A 196 2.32 -5.09 -16.91
N LYS A 197 1.88 -5.51 -18.10
CA LYS A 197 2.70 -6.23 -19.05
C LYS A 197 4.05 -5.58 -19.23
N THR A 198 4.15 -4.30 -18.84
CA THR A 198 5.38 -3.56 -19.01
C THR A 198 5.82 -2.83 -17.77
N SER A 199 5.40 -3.30 -16.60
CA SER A 199 5.80 -2.61 -15.39
C SER A 199 6.03 -3.54 -14.21
N LEU A 200 5.92 -4.85 -14.47
CA LEU A 200 6.15 -5.89 -13.48
C LEU A 200 6.44 -7.25 -14.14
N PRO A 201 6.91 -8.13 -13.33
CA PRO A 201 7.25 -9.43 -13.81
C PRO A 201 6.09 -10.40 -13.92
N GLU A 202 6.23 -11.33 -14.86
CA GLU A 202 5.23 -12.34 -15.01
C GLU A 202 4.69 -12.79 -13.62
N TRP A 203 5.54 -12.72 -12.57
CA TRP A 203 5.18 -13.09 -11.20
C TRP A 203 5.54 -11.98 -10.25
N VAL A 204 4.74 -11.80 -9.21
CA VAL A 204 5.04 -10.72 -8.29
C VAL A 204 4.63 -11.07 -6.89
N ARG A 205 4.98 -10.24 -5.90
CA ARG A 205 4.52 -10.40 -4.54
C ARG A 205 3.95 -9.07 -4.08
N ILE A 206 2.90 -9.10 -3.25
CA ILE A 206 2.17 -7.90 -2.97
C ILE A 206 2.25 -7.62 -1.50
N GLY A 207 1.98 -6.41 -1.12
CA GLY A 207 2.06 -6.14 0.29
C GLY A 207 1.93 -4.68 0.42
N PHE A 208 2.17 -4.24 1.64
CA PHE A 208 2.09 -2.84 1.96
C PHE A 208 3.44 -2.35 2.37
N SER A 209 3.56 -1.02 2.45
CA SER A 209 4.74 -0.28 2.89
C SER A 209 4.31 1.03 3.58
N ALA A 210 5.04 1.46 4.61
CA ALA A 210 4.60 2.67 5.27
C ALA A 210 5.71 3.36 6.03
N ALA A 211 5.66 4.68 6.04
CA ALA A 211 6.75 5.47 6.52
C ALA A 211 6.38 6.67 7.34
N THR A 212 7.15 6.84 8.42
CA THR A 212 7.10 8.04 9.20
C THR A 212 8.12 8.99 8.64
N GLY A 213 7.94 10.20 9.12
CA GLY A 213 8.78 11.27 8.72
C GLY A 213 10.20 11.14 9.21
N LEU A 214 11.01 12.01 8.66
CA LEU A 214 12.37 12.12 9.06
C LEU A 214 12.46 12.98 10.28
N ASP A 215 12.46 14.28 10.01
CA ASP A 215 12.51 15.24 11.09
C ASP A 215 11.48 14.89 12.17
N ILE A 216 10.31 14.41 11.74
CA ILE A 216 9.25 14.20 12.70
C ILE A 216 8.62 12.84 12.69
N PRO A 217 7.79 12.63 13.70
CA PRO A 217 7.07 11.38 13.88
C PRO A 217 5.98 11.25 12.83
N GLY A 218 5.06 12.24 12.77
CA GLY A 218 3.99 12.19 11.79
C GLY A 218 2.85 11.29 12.23
N GLU A 219 2.74 10.13 11.57
CA GLU A 219 1.67 9.22 11.86
C GLU A 219 2.03 7.74 11.73
N SER A 220 1.58 6.98 12.73
CA SER A 220 1.71 5.54 12.62
C SER A 220 0.80 5.10 11.51
N HIS A 221 0.95 3.82 11.11
CA HIS A 221 0.17 3.21 10.05
C HIS A 221 -0.10 1.75 10.31
N ASP A 222 -1.24 1.41 10.89
CA ASP A 222 -1.52 0.01 11.07
C ASP A 222 -2.64 -0.48 10.17
N VAL A 223 -2.47 -1.70 9.69
CA VAL A 223 -3.46 -2.30 8.84
C VAL A 223 -4.21 -3.40 9.55
N LEU A 224 -5.52 -3.35 9.47
CA LEU A 224 -6.34 -4.30 10.19
C LEU A 224 -6.74 -5.55 9.48
N SER A 225 -6.96 -5.47 8.18
CA SER A 225 -7.49 -6.61 7.48
C SER A 225 -7.07 -6.58 6.04
N TRP A 226 -7.08 -7.74 5.45
CA TRP A 226 -6.67 -7.78 4.08
C TRP A 226 -7.34 -8.94 3.42
N SER A 227 -7.79 -8.68 2.17
CA SER A 227 -8.35 -9.69 1.30
C SER A 227 -7.87 -9.44 -0.11
N PHE A 228 -7.75 -10.52 -0.88
CA PHE A 228 -7.31 -10.28 -2.22
C PHE A 228 -7.62 -11.47 -3.10
N ALA A 229 -7.84 -11.17 -4.39
CA ALA A 229 -8.05 -12.20 -5.34
C ALA A 229 -7.62 -11.86 -6.75
N SER A 230 -7.33 -12.94 -7.47
CA SER A 230 -6.85 -12.81 -8.81
C SER A 230 -7.25 -13.97 -9.73
N ASN A 231 -7.57 -13.61 -11.00
CA ASN A 231 -7.80 -14.55 -12.11
C ASN A 231 -6.92 -14.13 -13.24
N LEU A 232 -6.24 -15.15 -13.73
CA LEU A 232 -5.34 -15.07 -14.84
C LEU A 232 -5.78 -16.13 -15.80
N PRO A 233 -6.36 -15.62 -16.86
CA PRO A 233 -7.06 -16.35 -17.86
C PRO A 233 -6.15 -17.04 -18.81
N HIS A 234 -6.70 -18.11 -19.40
CA HIS A 234 -6.06 -18.95 -20.42
C HIS A 234 -6.07 -18.28 -21.80
#